data_3CEX
#
_entry.id   3CEX
#
_cell.length_a   55.191
_cell.length_b   55.137
_cell.length_c   62.429
_cell.angle_alpha   90.000
_cell.angle_beta   108.200
_cell.angle_gamma   90.000
#
_symmetry.space_group_name_H-M   'P 1 2 1'
#
loop_
_entity.id
_entity.type
_entity.pdbx_description
1 polymer 'Uncharacterized protein'
2 non-polymer 'ACETIC ACID'
3 non-polymer GLYCEROL
4 water water
#
_entity_poly.entity_id   1
_entity_poly.type   'polypeptide(L)'
_entity_poly.pdbx_seq_one_letter_code
;SNA(MSE)KVTQLSSETLDRAHERFEETLAQ(MSE)TVAEANT(MSE)PAPLIKSVTWL(MSE)WHTARELDLQISALNH
SDPLWLSQHWTEKFALDLPDETEDWHHTPEEAAKVVVAEKQLLSDYLAASVALTKSYLDQIKEEQLSDVIDKNWTPPVTR
QVRLVSAIDDAV(MSE)HSGQAVYTRRLVIGK
;
_entity_poly.pdbx_strand_id   A,B
#
loop_
_chem_comp.id
_chem_comp.type
_chem_comp.name
_chem_comp.formula
ACY non-polymer 'ACETIC ACID' 'C2 H4 O2'
GOL non-polymer GLYCEROL 'C3 H8 O3'
#
# COMPACT_ATOMS: atom_id res chain seq x y z
N ALA A 3 26.87 30.71 24.21
CA ALA A 3 25.91 30.51 25.33
C ALA A 3 24.65 29.81 24.80
N MSE A 4 24.16 30.30 23.66
CA MSE A 4 23.01 29.67 23.05
C MSE A 4 23.42 28.44 22.22
O MSE A 4 24.41 28.47 21.52
CB MSE A 4 22.30 30.67 22.17
CG MSE A 4 20.96 30.15 21.72
SE MSE A 4 20.00 31.47 20.63
CE MSE A 4 20.98 33.03 21.17
N LYS A 5 22.63 27.39 22.31
CA LYS A 5 22.80 26.24 21.47
C LYS A 5 22.49 26.58 19.99
N VAL A 6 23.26 25.96 19.08
CA VAL A 6 23.07 26.17 17.64
C VAL A 6 21.72 25.59 17.12
N THR A 7 21.11 24.72 17.92
CA THR A 7 19.83 24.11 17.61
C THR A 7 18.62 24.83 18.28
N GLN A 8 18.86 25.86 19.09
CA GLN A 8 17.74 26.48 19.86
CA GLN A 8 17.77 26.48 19.86
C GLN A 8 16.69 27.10 18.94
N LEU A 9 17.12 27.88 17.96
CA LEU A 9 16.13 28.47 17.03
C LEU A 9 15.32 27.42 16.24
N SER A 10 15.93 26.31 15.83
CA SER A 10 15.20 25.19 15.17
C SER A 10 14.16 24.60 16.09
N SER A 11 14.51 24.50 17.37
CA SER A 11 13.61 24.03 18.40
C SER A 11 12.38 24.94 18.60
N GLU A 12 12.60 26.24 18.62
CA GLU A 12 11.51 27.19 18.71
C GLU A 12 10.66 27.19 17.43
N THR A 13 11.27 26.91 16.28
CA THR A 13 10.53 26.80 15.02
C THR A 13 9.60 25.56 15.00
N LEU A 14 10.11 24.42 15.49
CA LEU A 14 9.27 23.24 15.69
C LEU A 14 8.07 23.50 16.61
N ASP A 15 8.27 24.28 17.67
CA ASP A 15 7.17 24.65 18.56
C ASP A 15 6.03 25.38 17.81
N ARG A 16 6.37 26.22 16.84
CA ARG A 16 5.33 26.88 16.05
C ARG A 16 4.54 25.87 15.21
N ALA A 17 5.21 24.87 14.62
CA ALA A 17 4.50 23.79 13.89
C ALA A 17 3.53 23.06 14.84
N HIS A 18 4.05 22.72 16.03
CA HIS A 18 3.29 21.99 17.03
C HIS A 18 2.03 22.76 17.41
N GLU A 19 2.20 24.03 17.75
CA GLU A 19 1.09 24.94 18.08
C GLU A 19 0.08 25.09 16.94
N ARG A 20 0.56 25.18 15.71
CA ARG A 20 -0.36 25.30 14.58
C ARG A 20 -1.25 24.05 14.38
N PHE A 21 -0.66 22.86 14.47
CA PHE A 21 -1.42 21.63 14.39
C PHE A 21 -2.51 21.57 15.50
N GLU A 22 -2.14 21.90 16.74
CA GLU A 22 -3.11 21.92 17.83
C GLU A 22 -4.25 22.95 17.62
N GLU A 23 -3.95 24.16 17.15
CA GLU A 23 -4.99 25.18 16.91
C GLU A 23 -5.94 24.74 15.81
N THR A 24 -5.42 24.07 14.78
CA THR A 24 -6.24 23.55 13.71
C THR A 24 -7.17 22.41 14.19
N LEU A 25 -6.59 21.41 14.85
CA LEU A 25 -7.33 20.28 15.39
C LEU A 25 -8.46 20.70 16.35
N ALA A 26 -8.20 21.71 17.17
CA ALA A 26 -9.19 22.25 18.11
C ALA A 26 -10.46 22.74 17.40
N GLN A 27 -10.39 23.07 16.10
CA GLN A 27 -11.58 23.55 15.40
C GLN A 27 -12.40 22.44 14.78
N MSE A 28 -11.96 21.19 14.91
CA MSE A 28 -12.59 20.10 14.16
C MSE A 28 -13.14 19.03 15.07
O MSE A 28 -12.61 18.79 16.13
CB MSE A 28 -11.56 19.47 13.21
CG MSE A 28 -10.89 20.51 12.36
SE MSE A 28 -9.45 19.84 11.24
CE MSE A 28 -10.48 19.32 9.61
N THR A 29 -14.19 18.35 14.61
CA THR A 29 -14.59 17.07 15.20
C THR A 29 -13.61 16.00 14.68
N VAL A 30 -13.58 14.83 15.32
CA VAL A 30 -12.71 13.75 14.86
C VAL A 30 -13.13 13.29 13.45
N ALA A 31 -14.43 13.25 13.15
CA ALA A 31 -14.89 12.89 11.79
C ALA A 31 -14.33 13.85 10.73
N GLU A 32 -14.33 15.13 11.05
CA GLU A 32 -13.76 16.15 10.16
C GLU A 32 -12.26 15.98 10.01
N ALA A 33 -11.58 15.76 11.12
CA ALA A 33 -10.13 15.54 11.12
C ALA A 33 -9.74 14.34 10.26
N ASN A 34 -10.57 13.31 10.29
CA ASN A 34 -10.35 12.09 9.48
C ASN A 34 -10.68 12.24 8.00
N THR A 35 -11.22 13.38 7.58
CA THR A 35 -11.74 13.54 6.24
C THR A 35 -10.66 13.98 5.29
N MSE A 36 -10.47 13.20 4.22
CA MSE A 36 -9.52 13.63 3.19
C MSE A 36 -10.29 14.21 2.02
O MSE A 36 -11.12 13.51 1.41
CB MSE A 36 -8.46 12.57 2.87
CG MSE A 36 -8.76 11.48 1.95
SE MSE A 36 -7.07 10.46 1.67
CE MSE A 36 -6.22 11.48 0.25
N PRO A 37 -10.14 15.54 1.77
CA PRO A 37 -10.99 16.19 0.78
C PRO A 37 -10.73 15.86 -0.71
N ALA A 38 -9.63 15.17 -1.03
CA ALA A 38 -9.30 14.86 -2.43
C ALA A 38 -8.18 13.84 -2.43
N PRO A 39 -8.01 13.11 -3.55
CA PRO A 39 -6.94 12.10 -3.63
C PRO A 39 -5.55 12.54 -3.17
N LEU A 40 -5.20 13.81 -3.44
CA LEU A 40 -3.86 14.33 -3.19
C LEU A 40 -3.81 15.33 -2.05
N ILE A 41 -4.94 15.54 -1.38
CA ILE A 41 -5.05 16.39 -0.24
C ILE A 41 -5.30 15.50 0.99
N LYS A 42 -4.29 15.37 1.81
CA LYS A 42 -4.34 14.57 3.03
C LYS A 42 -5.27 15.17 4.12
N SER A 43 -5.89 14.29 4.90
CA SER A 43 -6.65 14.69 6.08
C SER A 43 -5.74 15.29 7.12
N VAL A 44 -6.32 16.08 8.01
CA VAL A 44 -5.57 16.60 9.16
C VAL A 44 -5.07 15.45 10.02
N THR A 45 -5.87 14.41 10.19
CA THR A 45 -5.42 13.22 10.93
C THR A 45 -4.17 12.62 10.28
N TRP A 46 -4.19 12.43 8.96
CA TRP A 46 -2.97 11.90 8.27
C TRP A 46 -1.75 12.82 8.46
N LEU A 47 -1.96 14.13 8.30
CA LEU A 47 -0.86 15.12 8.42
C LEU A 47 -0.23 15.14 9.80
N MSE A 48 -1.05 15.10 10.84
CA MSE A 48 -0.54 15.09 12.22
C MSE A 48 0.11 13.76 12.57
O MSE A 48 1.15 13.76 13.18
CB MSE A 48 -1.66 15.35 13.22
CG MSE A 48 -1.89 16.74 13.43
SE MSE A 48 -3.12 17.17 14.88
CE MSE A 48 -2.04 17.22 16.48
N TRP A 49 -0.50 12.65 12.21
CA TRP A 49 0.12 11.34 12.42
C TRP A 49 1.45 11.26 11.67
N HIS A 50 1.44 11.70 10.41
CA HIS A 50 2.66 11.63 9.60
C HIS A 50 3.78 12.48 10.16
N THR A 51 3.46 13.70 10.61
CA THR A 51 4.46 14.58 11.22
C THR A 51 5.03 13.94 12.48
N ALA A 52 4.18 13.44 13.37
CA ALA A 52 4.64 12.76 14.58
C ALA A 52 5.48 11.53 14.19
N ARG A 53 5.02 10.79 13.21
CA ARG A 53 5.69 9.57 12.78
C ARG A 53 7.08 9.85 12.18
N GLU A 54 7.19 10.91 11.38
CA GLU A 54 8.45 11.20 10.73
C GLU A 54 9.51 11.78 11.70
N LEU A 55 9.11 12.65 12.61
CA LEU A 55 10.00 13.09 13.72
C LEU A 55 10.48 11.89 14.54
N ASP A 56 9.53 11.08 14.99
CA ASP A 56 9.83 9.85 15.71
C ASP A 56 10.86 8.98 14.96
N LEU A 57 10.49 8.51 13.78
CA LEU A 57 11.39 7.63 13.00
C LEU A 57 12.77 8.24 12.72
N GLN A 58 12.81 9.49 12.32
CA GLN A 58 14.10 10.08 11.95
C GLN A 58 15.01 10.35 13.14
N ILE A 59 14.44 10.90 14.21
CA ILE A 59 15.20 11.19 15.41
C ILE A 59 15.56 9.89 16.09
N SER A 60 14.66 8.91 16.11
CA SER A 60 15.00 7.62 16.74
C SER A 60 16.15 6.92 15.99
N ALA A 61 16.14 6.99 14.66
CA ALA A 61 17.24 6.48 13.82
C ALA A 61 18.59 7.20 14.07
N LEU A 62 18.60 8.51 14.19
CA LEU A 62 19.82 9.25 14.61
C LEU A 62 20.29 8.89 16.02
N ASN A 63 19.33 8.50 16.86
CA ASN A 63 19.59 8.19 18.26
C ASN A 63 19.82 6.70 18.47
N HIS A 64 19.85 5.93 17.38
CA HIS A 64 20.00 4.48 17.41
C HIS A 64 19.02 3.78 18.36
N SER A 65 17.83 4.38 18.56
CA SER A 65 16.82 3.81 19.46
C SER A 65 15.63 3.35 18.63
N ASP A 66 14.84 2.44 19.20
CA ASP A 66 13.60 1.99 18.56
C ASP A 66 12.63 3.18 18.55
N PRO A 67 11.85 3.36 17.49
CA PRO A 67 10.90 4.47 17.51
C PRO A 67 9.81 4.31 18.56
N LEU A 68 9.28 5.43 19.05
CA LEU A 68 8.23 5.43 20.08
C LEU A 68 6.97 4.74 19.58
N TRP A 69 6.71 4.84 18.27
CA TRP A 69 5.59 4.17 17.61
C TRP A 69 5.45 2.73 18.13
N LEU A 70 6.59 2.05 18.21
CA LEU A 70 6.74 0.71 18.76
C LEU A 70 7.06 0.71 20.27
N SER A 71 8.11 1.40 20.66
CA SER A 71 8.60 1.34 22.04
C SER A 71 7.61 1.85 23.10
N GLN A 72 6.77 2.81 22.75
CA GLN A 72 5.68 3.28 23.64
C GLN A 72 4.31 2.73 23.22
N HIS A 73 4.30 1.86 22.22
CA HIS A 73 3.09 1.18 21.79
C HIS A 73 1.99 2.07 21.21
N TRP A 74 2.39 3.18 20.58
CA TRP A 74 1.40 3.99 19.87
C TRP A 74 0.71 3.21 18.75
N THR A 75 1.43 2.31 18.10
CA THR A 75 0.82 1.50 17.05
C THR A 75 -0.45 0.77 17.50
N GLU A 76 -0.48 0.27 18.73
CA GLU A 76 -1.69 -0.39 19.29
C GLU A 76 -2.83 0.57 19.61
N LYS A 77 -2.51 1.81 19.97
CA LYS A 77 -3.55 2.83 20.24
C LYS A 77 -4.22 3.30 18.97
N PHE A 78 -3.42 3.44 17.91
CA PHE A 78 -3.89 3.88 16.63
C PHE A 78 -4.66 2.75 15.94
N ALA A 79 -4.17 1.53 16.07
CA ALA A 79 -4.74 0.34 15.41
C ALA A 79 -5.06 0.55 13.93
N LEU A 80 -4.09 1.06 13.20
CA LEU A 80 -4.26 1.36 11.78
C LEU A 80 -4.42 0.07 10.96
N ASP A 81 -5.27 0.10 9.94
CA ASP A 81 -5.34 -1.02 8.99
C ASP A 81 -4.22 -0.90 7.95
N LEU A 82 -3.00 -0.75 8.45
CA LEU A 82 -1.79 -0.68 7.64
C LEU A 82 -0.71 -1.49 8.35
N PRO A 83 0.09 -2.24 7.59
CA PRO A 83 1.11 -3.07 8.23
C PRO A 83 2.27 -2.23 8.74
N ASP A 84 2.88 -2.65 9.85
CA ASP A 84 4.16 -2.07 10.27
C ASP A 84 5.23 -2.88 9.55
N GLU A 85 6.06 -2.22 8.77
CA GLU A 85 7.05 -2.86 7.92
C GLU A 85 8.45 -2.33 8.21
N THR A 86 9.47 -3.09 7.82
CA THR A 86 10.86 -2.66 8.02
C THR A 86 11.07 -1.26 7.50
N GLU A 87 10.72 -1.01 6.23
CA GLU A 87 10.92 0.29 5.59
C GLU A 87 9.62 1.10 5.44
N ASP A 88 9.72 2.41 5.57
CA ASP A 88 8.56 3.29 5.38
C ASP A 88 8.36 3.43 3.87
N TRP A 89 7.14 3.71 3.44
CA TRP A 89 6.87 3.82 2.01
C TRP A 89 5.95 5.02 1.78
N HIS A 90 5.78 5.39 0.50
CA HIS A 90 4.91 6.48 0.12
C HIS A 90 3.47 5.94 0.00
N HIS A 91 2.57 6.46 0.84
CA HIS A 91 1.20 5.99 0.84
C HIS A 91 0.52 6.27 -0.47
N THR A 92 -0.18 5.29 -0.98
CA THR A 92 -1.22 5.50 -1.99
C THR A 92 -2.40 6.26 -1.36
N PRO A 93 -3.23 6.94 -2.19
CA PRO A 93 -4.40 7.62 -1.68
C PRO A 93 -5.31 6.71 -0.85
N GLU A 94 -5.44 5.46 -1.27
CA GLU A 94 -6.30 4.52 -0.60
C GLU A 94 -5.71 4.07 0.74
N GLU A 95 -4.38 3.96 0.81
CA GLU A 95 -3.70 3.71 2.08
C GLU A 95 -3.78 4.90 3.04
N ALA A 96 -3.64 6.12 2.49
CA ALA A 96 -3.73 7.35 3.29
C ALA A 96 -5.10 7.52 3.95
N ALA A 97 -6.18 7.15 3.25
CA ALA A 97 -7.54 7.20 3.81
C ALA A 97 -7.73 6.27 5.01
N LYS A 98 -6.83 5.31 5.19
CA LYS A 98 -6.90 4.40 6.31
C LYS A 98 -6.24 4.96 7.57
N VAL A 99 -5.58 6.11 7.45
CA VAL A 99 -5.03 6.73 8.65
C VAL A 99 -6.14 7.59 9.24
N VAL A 100 -6.88 6.98 10.17
CA VAL A 100 -7.99 7.62 10.85
C VAL A 100 -7.89 7.24 12.33
N VAL A 101 -8.44 8.09 13.20
CA VAL A 101 -8.40 7.85 14.64
C VAL A 101 -9.80 7.90 15.24
N ALA A 102 -9.96 7.21 16.38
CA ALA A 102 -11.23 7.21 17.12
C ALA A 102 -11.46 8.51 17.91
N GLU A 103 -10.38 9.12 18.40
CA GLU A 103 -10.46 10.37 19.16
C GLU A 103 -9.27 11.28 18.85
N LYS A 104 -9.53 12.59 18.83
CA LYS A 104 -8.49 13.59 18.52
C LYS A 104 -7.30 13.58 19.50
N GLN A 105 -7.57 13.33 20.77
CA GLN A 105 -6.52 13.32 21.80
C GLN A 105 -5.32 12.45 21.43
N LEU A 106 -5.55 11.32 20.75
CA LEU A 106 -4.44 10.45 20.38
C LEU A 106 -3.40 11.14 19.50
N LEU A 107 -3.90 11.93 18.55
CA LEU A 107 -3.04 12.69 17.65
C LEU A 107 -2.21 13.69 18.43
N SER A 108 -2.85 14.39 19.38
CA SER A 108 -2.18 15.38 20.20
C SER A 108 -1.09 14.74 21.04
N ASP A 109 -1.43 13.58 21.63
CA ASP A 109 -0.50 12.86 22.52
C ASP A 109 0.72 12.31 21.80
N TYR A 110 0.50 11.72 20.63
CA TYR A 110 1.64 11.16 19.89
C TYR A 110 2.52 12.29 19.32
N LEU A 111 1.90 13.35 18.81
CA LEU A 111 2.70 14.50 18.36
C LEU A 111 3.50 15.14 19.50
N ALA A 112 2.89 15.31 20.66
CA ALA A 112 3.59 15.87 21.83
C ALA A 112 4.79 15.00 22.23
N ALA A 113 4.60 13.68 22.20
CA ALA A 113 5.70 12.75 22.48
C ALA A 113 6.80 12.88 21.43
N SER A 114 6.43 12.95 20.15
CA SER A 114 7.47 13.06 19.11
C SER A 114 8.21 14.40 19.12
N VAL A 115 7.49 15.49 19.40
CA VAL A 115 8.13 16.80 19.56
C VAL A 115 9.09 16.80 20.75
N ALA A 116 8.68 16.21 21.87
CA ALA A 116 9.53 16.13 23.06
C ALA A 116 10.85 15.40 22.76
N LEU A 117 10.73 14.25 22.12
CA LEU A 117 11.87 13.45 21.70
C LEU A 117 12.84 14.30 20.84
N THR A 118 12.26 15.01 19.86
CA THR A 118 13.04 15.82 18.92
C THR A 118 13.78 16.90 19.71
N LYS A 119 13.07 17.58 20.60
CA LYS A 119 13.69 18.68 21.35
C LYS A 119 14.78 18.19 22.29
N SER A 120 14.58 17.01 22.87
CA SER A 120 15.59 16.36 23.67
C SER A 120 16.83 16.07 22.85
N TYR A 121 16.66 15.54 21.66
CA TYR A 121 17.80 15.24 20.80
C TYR A 121 18.54 16.54 20.47
N LEU A 122 17.78 17.56 20.07
CA LEU A 122 18.35 18.84 19.68
C LEU A 122 19.15 19.47 20.82
N ASP A 123 18.64 19.32 22.03
CA ASP A 123 19.29 19.87 23.21
C ASP A 123 20.56 19.14 23.60
N GLN A 124 20.72 17.90 23.14
CA GLN A 124 21.86 17.08 23.54
C GLN A 124 22.89 16.85 22.43
N ILE A 125 22.51 17.08 21.18
CA ILE A 125 23.46 16.95 20.09
C ILE A 125 24.61 17.96 20.30
N LYS A 126 25.86 17.49 20.15
CA LYS A 126 27.05 18.36 20.15
C LYS A 126 27.30 18.90 18.76
N GLU A 127 27.79 20.13 18.71
CA GLU A 127 27.93 20.86 17.47
C GLU A 127 28.90 20.17 16.50
N GLU A 128 29.89 19.47 17.05
CA GLU A 128 30.86 18.71 16.26
C GLU A 128 30.21 17.51 15.52
N GLN A 129 29.13 16.99 16.10
CA GLN A 129 28.41 15.85 15.52
C GLN A 129 27.56 16.24 14.30
N LEU A 130 27.27 17.52 14.13
CA LEU A 130 26.40 17.94 13.03
C LEU A 130 26.98 17.69 11.63
N SER A 131 28.31 17.64 11.53
CA SER A 131 28.96 17.39 10.25
C SER A 131 29.09 15.90 9.92
N ASP A 132 28.69 15.03 10.84
CA ASP A 132 28.82 13.58 10.61
C ASP A 132 28.01 13.12 9.40
N VAL A 133 28.62 12.36 8.50
CA VAL A 133 27.91 11.72 7.39
C VAL A 133 27.09 10.51 7.87
N ILE A 134 25.78 10.56 7.68
CA ILE A 134 24.90 9.47 8.09
C ILE A 134 24.46 8.60 6.90
N ASP A 135 24.53 9.14 5.68
CA ASP A 135 24.27 8.34 4.47
C ASP A 135 25.18 8.79 3.34
N LYS A 136 26.18 7.97 3.02
CA LYS A 136 27.17 8.35 2.03
C LYS A 136 26.68 8.15 0.60
N ASN A 137 25.56 7.45 0.42
CA ASN A 137 25.14 7.01 -0.92
C ASN A 137 24.25 8.02 -1.66
N TRP A 138 24.49 9.31 -1.38
CA TRP A 138 23.85 10.43 -2.04
C TRP A 138 24.94 11.40 -2.42
N THR A 139 24.64 12.28 -3.37
CA THR A 139 25.52 13.39 -3.73
C THR A 139 24.77 14.67 -3.47
N PRO A 140 25.23 15.48 -2.50
CA PRO A 140 26.37 15.20 -1.63
C PRO A 140 25.85 14.30 -0.52
N PRO A 141 26.75 13.73 0.28
CA PRO A 141 26.31 12.86 1.38
C PRO A 141 25.32 13.56 2.32
N VAL A 142 24.46 12.75 2.93
CA VAL A 142 23.57 13.27 3.94
C VAL A 142 24.29 13.25 5.29
N THR A 143 24.31 14.40 5.94
CA THR A 143 24.88 14.58 7.25
C THR A 143 23.79 14.68 8.28
N ARG A 144 24.17 14.63 9.55
CA ARG A 144 23.22 14.78 10.64
C ARG A 144 22.42 16.09 10.46
N GLN A 145 23.14 17.14 10.08
CA GLN A 145 22.60 18.47 9.98
C GLN A 145 21.50 18.54 8.93
N VAL A 146 21.76 17.93 7.77
CA VAL A 146 20.80 17.89 6.67
C VAL A 146 19.52 17.16 7.11
N ARG A 147 19.68 16.08 7.86
CA ARG A 147 18.55 15.29 8.29
C ARG A 147 17.70 16.06 9.32
N LEU A 148 18.36 16.75 10.23
CA LEU A 148 17.71 17.61 11.21
C LEU A 148 16.93 18.76 10.56
N VAL A 149 17.53 19.41 9.59
CA VAL A 149 16.85 20.49 8.86
C VAL A 149 15.63 19.96 8.09
N SER A 150 15.79 18.78 7.47
CA SER A 150 14.72 18.12 6.77
C SER A 150 13.56 17.81 7.71
N ALA A 151 13.89 17.34 8.92
CA ALA A 151 12.83 16.99 9.89
C ALA A 151 12.06 18.21 10.36
N ILE A 152 12.73 19.33 10.61
CA ILE A 152 12.05 20.56 11.02
C ILE A 152 11.23 21.11 9.84
N ASP A 153 11.82 21.14 8.64
CA ASP A 153 11.12 21.60 7.40
C ASP A 153 9.81 20.84 7.15
N ASP A 154 9.87 19.52 7.27
CA ASP A 154 8.75 18.63 7.07
C ASP A 154 7.62 18.94 8.03
N ALA A 155 7.93 19.06 9.33
CA ALA A 155 6.92 19.36 10.32
C ALA A 155 6.27 20.70 10.05
N VAL A 156 7.08 21.74 9.80
CA VAL A 156 6.51 23.08 9.64
C VAL A 156 5.66 23.13 8.37
N MSE A 157 6.20 22.61 7.28
CA MSE A 157 5.48 22.65 6.03
C MSE A 157 4.14 21.87 6.09
O MSE A 157 3.13 22.31 5.54
CB MSE A 157 6.43 22.11 4.95
CG MSE A 157 5.79 21.82 3.73
SE MSE A 157 5.14 19.96 3.50
CE MSE A 157 5.75 20.07 1.68
N HIS A 158 4.14 20.70 6.73
CA HIS A 158 2.89 19.97 6.95
C HIS A 158 1.85 20.69 7.81
N SER A 159 2.32 21.49 8.75
CA SER A 159 1.41 22.29 9.61
C SER A 159 0.67 23.34 8.75
N GLY A 160 1.36 23.92 7.76
CA GLY A 160 0.72 24.79 6.79
C GLY A 160 -0.30 24.07 5.97
N GLN A 161 0.04 22.87 5.49
CA GLN A 161 -0.94 22.09 4.71
C GLN A 161 -2.18 21.77 5.53
N ALA A 162 -2.01 21.50 6.81
CA ALA A 162 -3.17 21.18 7.69
C ALA A 162 -4.19 22.31 7.76
N VAL A 163 -3.71 23.54 7.75
CA VAL A 163 -4.60 24.72 7.69
C VAL A 163 -5.48 24.71 6.45
N TYR A 164 -4.87 24.39 5.30
CA TYR A 164 -5.58 24.30 4.03
C TYR A 164 -6.60 23.17 4.00
N THR A 165 -6.22 21.98 4.44
CA THR A 165 -7.18 20.89 4.51
C THR A 165 -8.36 21.27 5.40
N ARG A 166 -8.08 21.90 6.54
CA ARG A 166 -9.14 22.37 7.44
C ARG A 166 -10.09 23.29 6.71
N ARG A 167 -9.55 24.27 6.00
CA ARG A 167 -10.36 25.20 5.21
C ARG A 167 -11.24 24.50 4.19
N LEU A 168 -10.68 23.49 3.52
CA LEU A 168 -11.44 22.73 2.53
C LEU A 168 -12.51 21.88 3.17
N VAL A 169 -12.26 21.39 4.38
CA VAL A 169 -13.17 20.44 4.99
C VAL A 169 -14.30 21.14 5.75
N ILE A 170 -13.97 22.19 6.49
CA ILE A 170 -14.97 22.89 7.30
C ILE A 170 -15.29 24.32 6.85
N GLY A 171 -14.69 24.78 5.75
CA GLY A 171 -15.00 26.10 5.20
C GLY A 171 -14.52 27.30 5.99
N LYS A 172 -13.60 27.09 6.91
CA LYS A 172 -13.10 28.21 7.70
C LYS A 172 -11.73 27.86 8.27
N ALA B 3 19.51 -22.21 1.43
CA ALA B 3 20.04 -21.57 0.18
C ALA B 3 18.92 -21.41 -0.84
N MSE B 4 17.95 -22.32 -0.88
CA MSE B 4 16.76 -22.14 -1.72
C MSE B 4 15.79 -21.22 -0.96
O MSE B 4 15.67 -21.33 0.25
CB MSE B 4 16.10 -23.50 -1.99
CG MSE B 4 14.77 -23.43 -2.72
SE MSE B 4 13.95 -25.23 -2.89
CE MSE B 4 15.49 -26.08 -3.81
N LYS B 5 15.10 -20.36 -1.68
CA LYS B 5 14.13 -19.43 -1.08
C LYS B 5 12.88 -20.19 -0.62
N VAL B 6 12.29 -19.75 0.49
CA VAL B 6 11.04 -20.39 0.96
C VAL B 6 9.90 -20.20 -0.04
N THR B 7 10.06 -19.28 -1.00
CA THR B 7 9.03 -19.02 -2.03
C THR B 7 9.22 -19.74 -3.37
N GLN B 8 10.33 -20.44 -3.53
CA GLN B 8 10.67 -21.11 -4.80
C GLN B 8 9.63 -22.13 -5.29
N LEU B 9 9.18 -23.07 -4.46
CA LEU B 9 8.19 -24.07 -4.90
C LEU B 9 6.84 -23.44 -5.30
N SER B 10 6.47 -22.36 -4.60
CA SER B 10 5.25 -21.61 -4.88
C SER B 10 5.26 -20.96 -6.28
N SER B 11 6.41 -20.40 -6.61
CA SER B 11 6.69 -19.84 -7.90
C SER B 11 6.61 -20.89 -9.01
N GLU B 12 7.16 -22.08 -8.81
CA GLU B 12 7.06 -23.14 -9.79
C GLU B 12 5.62 -23.64 -9.92
N THR B 13 4.88 -23.62 -8.82
CA THR B 13 3.45 -24.00 -8.81
C THR B 13 2.60 -23.02 -9.65
N LEU B 14 2.90 -21.74 -9.53
CA LEU B 14 2.25 -20.72 -10.31
C LEU B 14 2.59 -20.90 -11.78
N ASP B 15 3.84 -21.24 -12.10
CA ASP B 15 4.19 -21.52 -13.48
C ASP B 15 3.35 -22.62 -14.09
N ARG B 16 3.01 -23.66 -13.31
CA ARG B 16 2.11 -24.72 -13.81
C ARG B 16 0.73 -24.22 -14.19
N ALA B 17 0.19 -23.34 -13.36
CA ALA B 17 -1.11 -22.74 -13.60
C ALA B 17 -1.07 -21.87 -14.89
N HIS B 18 0.00 -21.12 -15.03
CA HIS B 18 0.19 -20.25 -16.20
C HIS B 18 0.28 -21.07 -17.49
N GLU B 19 1.13 -22.11 -17.50
CA GLU B 19 1.21 -23.06 -18.63
C GLU B 19 -0.18 -23.66 -18.95
N ARG B 20 -0.88 -24.11 -17.92
CA ARG B 20 -2.17 -24.75 -18.11
C ARG B 20 -3.17 -23.81 -18.79
N PHE B 21 -3.19 -22.55 -18.38
CA PHE B 21 -4.06 -21.56 -19.04
C PHE B 21 -3.74 -21.37 -20.53
N GLU B 22 -2.47 -21.12 -20.83
CA GLU B 22 -2.02 -20.93 -22.20
C GLU B 22 -2.35 -22.15 -23.08
N GLU B 23 -2.13 -23.35 -22.54
CA GLU B 23 -2.37 -24.59 -23.31
C GLU B 23 -3.84 -24.73 -23.65
N THR B 24 -4.73 -24.33 -22.73
CA THR B 24 -6.17 -24.37 -22.97
C THR B 24 -6.61 -23.30 -23.99
N LEU B 25 -6.13 -22.07 -23.81
CA LEU B 25 -6.46 -20.97 -24.71
C LEU B 25 -6.00 -21.24 -26.15
N ALA B 26 -4.85 -21.87 -26.31
CA ALA B 26 -4.32 -22.24 -27.63
C ALA B 26 -5.27 -23.16 -28.40
N GLN B 27 -6.15 -23.89 -27.71
CA GLN B 27 -7.05 -24.83 -28.40
C GLN B 27 -8.35 -24.19 -28.83
N MSE B 28 -8.54 -22.90 -28.54
CA MSE B 28 -9.85 -22.25 -28.72
C MSE B 28 -9.83 -21.05 -29.64
O MSE B 28 -8.85 -20.31 -29.67
CB MSE B 28 -10.37 -21.81 -27.34
CG MSE B 28 -10.37 -22.92 -26.32
SE MSE B 28 -10.95 -22.36 -24.54
CE MSE B 28 -12.86 -22.80 -24.70
N THR B 29 -10.93 -20.81 -30.36
CA THR B 29 -11.16 -19.55 -31.05
C THR B 29 -11.49 -18.50 -30.00
N VAL B 30 -11.45 -17.22 -30.36
CA VAL B 30 -11.71 -16.16 -29.35
C VAL B 30 -13.20 -16.21 -28.93
N ALA B 31 -14.09 -16.48 -29.87
CA ALA B 31 -15.52 -16.66 -29.55
C ALA B 31 -15.74 -17.83 -28.57
N GLU B 32 -14.99 -18.92 -28.78
CA GLU B 32 -15.04 -20.06 -27.87
C GLU B 32 -14.52 -19.66 -26.49
N ALA B 33 -13.39 -18.97 -26.47
CA ALA B 33 -12.77 -18.50 -25.23
C ALA B 33 -13.74 -17.60 -24.46
N ASN B 34 -14.52 -16.78 -25.19
CA ASN B 34 -15.52 -15.89 -24.59
C ASN B 34 -16.83 -16.57 -24.13
N THR B 35 -17.00 -17.87 -24.41
CA THR B 35 -18.30 -18.51 -24.23
C THR B 35 -18.43 -19.05 -22.82
N MSE B 36 -19.53 -18.72 -22.15
CA MSE B 36 -19.84 -19.43 -20.91
C MSE B 36 -20.95 -20.48 -21.12
O MSE B 36 -22.00 -20.18 -21.67
CB MSE B 36 -20.08 -18.51 -19.73
CG MSE B 36 -21.24 -17.60 -19.70
SE MSE B 36 -20.90 -16.26 -18.26
CE MSE B 36 -21.21 -17.33 -16.64
N PRO B 37 -20.65 -21.75 -20.74
CA PRO B 37 -21.52 -22.89 -21.01
C PRO B 37 -22.76 -23.00 -20.12
N ALA B 38 -22.72 -22.32 -18.97
CA ALA B 38 -23.84 -22.25 -18.04
C ALA B 38 -23.65 -21.04 -17.14
N PRO B 39 -24.73 -20.62 -16.44
CA PRO B 39 -24.70 -19.42 -15.58
C PRO B 39 -23.65 -19.39 -14.47
N LEU B 40 -23.36 -20.55 -13.86
CA LEU B 40 -22.34 -20.68 -12.80
C LEU B 40 -21.00 -21.20 -13.31
N ILE B 41 -20.87 -21.44 -14.62
CA ILE B 41 -19.64 -21.89 -15.20
C ILE B 41 -19.06 -20.77 -16.06
N LYS B 42 -17.91 -20.23 -15.64
CA LYS B 42 -17.35 -19.05 -16.27
C LYS B 42 -16.59 -19.40 -17.55
N SER B 43 -16.49 -18.44 -18.44
CA SER B 43 -15.72 -18.60 -19.66
C SER B 43 -14.20 -18.63 -19.40
N VAL B 44 -13.45 -19.18 -20.33
CA VAL B 44 -11.99 -19.19 -20.24
C VAL B 44 -11.46 -17.74 -20.20
N THR B 45 -12.07 -16.85 -20.99
CA THR B 45 -11.73 -15.43 -20.94
C THR B 45 -11.90 -14.86 -19.57
N TRP B 46 -13.06 -15.13 -18.96
CA TRP B 46 -13.32 -14.65 -17.60
C TRP B 46 -12.28 -15.22 -16.62
N LEU B 47 -12.02 -16.53 -16.73
CA LEU B 47 -11.10 -17.20 -15.80
C LEU B 47 -9.67 -16.67 -15.91
N MSE B 48 -9.22 -16.40 -17.13
CA MSE B 48 -7.87 -15.83 -17.32
C MSE B 48 -7.76 -14.38 -16.90
O MSE B 48 -6.79 -13.99 -16.25
CB MSE B 48 -7.42 -15.98 -18.76
CG MSE B 48 -6.99 -17.37 -19.04
SE MSE B 48 -6.37 -17.58 -20.86
CE MSE B 48 -4.62 -16.76 -20.66
N TRP B 49 -8.74 -13.58 -17.29
CA TRP B 49 -8.82 -12.19 -16.82
C TRP B 49 -8.87 -12.11 -15.28
N HIS B 50 -9.73 -12.92 -14.68
CA HIS B 50 -9.89 -12.91 -13.25
C HIS B 50 -8.60 -13.29 -12.56
N THR B 51 -7.91 -14.28 -13.10
CA THR B 51 -6.68 -14.75 -12.47
C THR B 51 -5.56 -13.69 -12.57
N ALA B 52 -5.42 -13.10 -13.74
CA ALA B 52 -4.48 -11.97 -13.93
C ALA B 52 -4.85 -10.82 -13.00
N ARG B 53 -6.14 -10.50 -12.94
CA ARG B 53 -6.61 -9.40 -12.10
CA ARG B 53 -6.61 -9.41 -12.08
C ARG B 53 -6.34 -9.63 -10.59
N GLU B 54 -6.64 -10.82 -10.07
CA GLU B 54 -6.42 -11.13 -8.65
C GLU B 54 -4.93 -11.11 -8.28
N LEU B 55 -4.06 -11.63 -9.14
CA LEU B 55 -2.63 -11.58 -8.87
C LEU B 55 -2.16 -10.15 -8.86
N ASP B 56 -2.57 -9.39 -9.87
CA ASP B 56 -2.13 -8.01 -10.05
C ASP B 56 -2.58 -7.18 -8.87
N LEU B 57 -3.86 -7.22 -8.56
CA LEU B 57 -4.40 -6.37 -7.50
C LEU B 57 -3.81 -6.72 -6.11
N GLN B 58 -3.66 -8.00 -5.80
N GLN B 58 -3.73 -8.02 -5.78
CA GLN B 58 -3.23 -8.39 -4.47
CA GLN B 58 -3.24 -8.44 -4.47
C GLN B 58 -1.73 -8.26 -4.27
C GLN B 58 -1.75 -8.13 -4.33
N ILE B 59 -0.94 -8.54 -5.30
CA ILE B 59 0.50 -8.29 -5.25
C ILE B 59 0.81 -6.80 -5.29
N SER B 60 0.12 -6.05 -6.15
CA SER B 60 0.33 -4.60 -6.18
C SER B 60 0.02 -3.97 -4.82
N ALA B 61 -1.04 -4.45 -4.16
CA ALA B 61 -1.37 -3.95 -2.83
C ALA B 61 -0.22 -4.25 -1.85
N LEU B 62 0.30 -5.47 -1.87
CA LEU B 62 1.43 -5.82 -0.98
C LEU B 62 2.64 -4.96 -1.29
N ASN B 63 2.79 -4.62 -2.56
CA ASN B 63 3.89 -3.85 -3.04
C ASN B 63 3.70 -2.34 -2.88
N HIS B 64 2.54 -1.90 -2.39
CA HIS B 64 2.22 -0.49 -2.23
C HIS B 64 2.31 0.28 -3.55
N SER B 65 2.01 -0.41 -4.65
CA SER B 65 1.98 0.23 -5.96
C SER B 65 0.59 0.18 -6.58
N ASP B 66 0.32 1.08 -7.52
CA ASP B 66 -0.92 1.04 -8.27
C ASP B 66 -0.88 -0.24 -9.10
N PRO B 67 -2.02 -0.89 -9.26
CA PRO B 67 -2.07 -2.11 -10.03
C PRO B 67 -1.74 -1.90 -11.49
N LEU B 68 -1.18 -2.91 -12.12
CA LEU B 68 -0.85 -2.87 -13.55
C LEU B 68 -2.02 -2.57 -14.45
N TRP B 69 -3.20 -3.04 -14.02
CA TRP B 69 -4.48 -2.79 -14.71
C TRP B 69 -4.65 -1.32 -15.07
N LEU B 70 -4.26 -0.45 -14.13
CA LEU B 70 -4.28 1.00 -14.32
C LEU B 70 -2.96 1.52 -14.83
N SER B 71 -1.85 1.14 -14.21
CA SER B 71 -0.55 1.77 -14.51
C SER B 71 0.06 1.40 -15.85
N GLN B 72 -0.22 0.19 -16.37
CA GLN B 72 0.17 -0.21 -17.74
C GLN B 72 -1.01 -0.12 -18.72
N HIS B 73 -2.10 0.47 -18.25
CA HIS B 73 -3.29 0.72 -19.07
C HIS B 73 -3.98 -0.49 -19.64
N TRP B 74 -3.91 -1.63 -18.96
CA TRP B 74 -4.63 -2.80 -19.44
C TRP B 74 -6.13 -2.48 -19.50
N THR B 75 -6.65 -1.69 -18.57
CA THR B 75 -8.08 -1.36 -18.56
C THR B 75 -8.53 -0.72 -19.89
N GLU B 76 -7.67 0.11 -20.46
CA GLU B 76 -7.99 0.75 -21.71
C GLU B 76 -7.88 -0.23 -22.88
N LYS B 77 -6.96 -1.19 -22.79
CA LYS B 77 -6.82 -2.21 -23.85
C LYS B 77 -8.03 -3.16 -23.87
N PHE B 78 -8.48 -3.60 -22.71
CA PHE B 78 -9.67 -4.44 -22.60
C PHE B 78 -10.96 -3.67 -22.89
N ALA B 79 -11.03 -2.42 -22.42
CA ALA B 79 -12.24 -1.61 -22.62
C ALA B 79 -13.52 -2.36 -22.26
N LEU B 80 -13.53 -3.01 -21.10
CA LEU B 80 -14.68 -3.74 -20.63
C LEU B 80 -15.78 -2.79 -20.20
N ASP B 81 -17.03 -3.19 -20.47
CA ASP B 81 -18.24 -2.53 -19.92
C ASP B 81 -18.49 -2.79 -18.43
N LEU B 82 -17.47 -2.60 -17.61
CA LEU B 82 -17.50 -2.81 -16.17
C LEU B 82 -16.52 -1.83 -15.53
N PRO B 83 -16.80 -1.37 -14.31
CA PRO B 83 -15.88 -0.39 -13.72
C PRO B 83 -14.57 -1.03 -13.28
N ASP B 84 -13.51 -0.22 -13.19
CA ASP B 84 -12.21 -0.69 -12.68
C ASP B 84 -12.23 -1.13 -11.21
N GLU B 85 -13.23 -0.67 -10.46
CA GLU B 85 -13.46 -1.12 -9.08
C GLU B 85 -14.34 -2.40 -8.99
N THR B 86 -14.70 -3.01 -10.14
CA THR B 86 -15.60 -4.18 -10.18
C THR B 86 -15.12 -5.31 -9.24
N GLU B 87 -16.08 -6.00 -8.63
CA GLU B 87 -15.74 -7.05 -7.65
C GLU B 87 -15.91 -8.45 -8.27
N ASP B 88 -14.89 -8.92 -8.99
CA ASP B 88 -14.94 -10.23 -9.69
C ASP B 88 -15.15 -11.47 -8.77
N TRP B 89 -14.66 -11.38 -7.54
CA TRP B 89 -14.93 -12.36 -6.48
CA TRP B 89 -14.94 -12.37 -6.48
C TRP B 89 -16.44 -12.37 -6.12
N HIS B 90 -17.20 -11.46 -6.74
CA HIS B 90 -18.60 -11.14 -6.40
C HIS B 90 -19.57 -11.06 -7.61
N HIS B 91 -19.10 -11.41 -8.82
CA HIS B 91 -19.88 -11.14 -10.05
C HIS B 91 -21.22 -11.86 -10.10
N THR B 92 -22.24 -11.18 -10.61
CA THR B 92 -23.43 -11.85 -11.12
C THR B 92 -23.06 -12.54 -12.45
N PRO B 93 -23.89 -13.50 -12.91
CA PRO B 93 -23.70 -14.08 -14.25
C PRO B 93 -23.73 -13.05 -15.39
N GLU B 94 -24.52 -11.97 -15.21
CA GLU B 94 -24.57 -10.92 -16.23
CA GLU B 94 -24.60 -10.89 -16.19
C GLU B 94 -23.33 -10.03 -16.18
N GLU B 95 -22.76 -9.81 -15.00
CA GLU B 95 -21.50 -9.07 -14.89
C GLU B 95 -20.38 -9.87 -15.58
N ALA B 96 -20.32 -11.18 -15.29
CA ALA B 96 -19.31 -12.07 -15.84
C ALA B 96 -19.36 -12.16 -17.38
N ALA B 97 -20.56 -12.03 -17.95
CA ALA B 97 -20.77 -12.08 -19.41
C ALA B 97 -20.13 -10.91 -20.18
N LYS B 98 -19.86 -9.81 -19.48
CA LYS B 98 -19.23 -8.63 -20.09
C LYS B 98 -17.72 -8.76 -20.22
N VAL B 99 -17.14 -9.78 -19.57
CA VAL B 99 -15.72 -10.03 -19.72
C VAL B 99 -15.50 -10.89 -20.97
N VAL B 100 -15.37 -10.20 -22.10
CA VAL B 100 -15.12 -10.79 -23.40
C VAL B 100 -14.03 -9.97 -24.05
N VAL B 101 -13.21 -10.61 -24.90
CA VAL B 101 -12.13 -9.93 -25.66
C VAL B 101 -12.25 -10.14 -27.19
N ALA B 102 -11.66 -9.23 -27.96
CA ALA B 102 -11.56 -9.35 -29.43
C ALA B 102 -10.32 -10.15 -29.85
N GLU B 103 -9.32 -10.20 -28.99
CA GLU B 103 -8.07 -10.88 -29.30
C GLU B 103 -7.61 -11.73 -28.10
N LYS B 104 -7.25 -12.98 -28.38
CA LYS B 104 -6.74 -13.87 -27.37
C LYS B 104 -5.42 -13.36 -26.78
N GLN B 105 -4.58 -12.76 -27.61
CA GLN B 105 -3.28 -12.26 -27.19
C GLN B 105 -3.34 -11.32 -25.97
N LEU B 106 -4.40 -10.56 -25.84
CA LEU B 106 -4.56 -9.66 -24.73
C LEU B 106 -4.56 -10.39 -23.36
N LEU B 107 -5.29 -11.49 -23.31
CA LEU B 107 -5.36 -12.36 -22.13
C LEU B 107 -4.01 -12.92 -21.81
N SER B 108 -3.29 -13.37 -22.83
CA SER B 108 -1.95 -13.92 -22.64
C SER B 108 -0.99 -12.87 -22.12
N ASP B 109 -1.09 -11.67 -22.69
CA ASP B 109 -0.19 -10.61 -22.30
C ASP B 109 -0.50 -10.11 -20.91
N TYR B 110 -1.78 -9.92 -20.55
CA TYR B 110 -2.08 -9.43 -19.20
C TYR B 110 -1.75 -10.49 -18.14
N LEU B 111 -2.06 -11.75 -18.44
CA LEU B 111 -1.72 -12.82 -17.47
C LEU B 111 -0.20 -12.94 -17.32
N ALA B 112 0.54 -12.84 -18.43
CA ALA B 112 2.01 -12.89 -18.35
C ALA B 112 2.53 -11.74 -17.49
N ALA B 113 1.98 -10.55 -17.66
CA ALA B 113 2.43 -9.41 -16.87
C ALA B 113 2.18 -9.62 -15.37
N SER B 114 1.01 -10.14 -15.02
CA SER B 114 0.64 -10.33 -13.65
C SER B 114 1.43 -11.47 -13.01
N VAL B 115 1.68 -12.54 -13.74
CA VAL B 115 2.54 -13.63 -13.26
C VAL B 115 3.97 -13.15 -13.03
N ALA B 116 4.52 -12.33 -13.93
CA ALA B 116 5.87 -11.78 -13.77
C ALA B 116 5.97 -10.86 -12.54
N LEU B 117 4.94 -10.07 -12.30
CA LEU B 117 4.86 -9.25 -11.09
C LEU B 117 4.91 -10.10 -9.81
N THR B 118 4.10 -11.15 -9.79
CA THR B 118 4.02 -12.07 -8.65
C THR B 118 5.36 -12.75 -8.38
N LYS B 119 6.00 -13.22 -9.45
CA LYS B 119 7.28 -13.88 -9.30
C LYS B 119 8.38 -12.94 -8.87
N SER B 120 8.33 -11.69 -9.33
CA SER B 120 9.28 -10.70 -8.87
C SER B 120 9.09 -10.42 -7.35
N TYR B 121 7.84 -10.33 -6.95
CA TYR B 121 7.51 -10.11 -5.53
C TYR B 121 7.99 -11.30 -4.68
N LEU B 122 7.70 -12.52 -5.14
CA LEU B 122 8.08 -13.73 -4.44
C LEU B 122 9.60 -13.86 -4.33
N ASP B 123 10.30 -13.50 -5.40
CA ASP B 123 11.77 -13.51 -5.40
C ASP B 123 12.43 -12.52 -4.43
N GLN B 124 11.74 -11.42 -4.09
CA GLN B 124 12.30 -10.30 -3.32
C GLN B 124 11.94 -10.29 -1.85
N ILE B 125 10.86 -10.98 -1.49
CA ILE B 125 10.30 -10.86 -0.16
C ILE B 125 11.23 -11.63 0.80
N LYS B 126 11.47 -11.07 1.98
CA LYS B 126 12.32 -11.67 2.99
C LYS B 126 11.47 -12.50 3.92
N GLU B 127 11.99 -13.64 4.34
CA GLU B 127 11.28 -14.55 5.21
C GLU B 127 10.64 -13.87 6.44
N GLU B 128 11.34 -12.94 7.04
CA GLU B 128 10.82 -12.33 8.28
C GLU B 128 9.63 -11.40 8.00
N GLN B 129 9.41 -11.02 6.75
CA GLN B 129 8.26 -10.21 6.37
C GLN B 129 6.98 -11.02 6.18
N LEU B 130 7.08 -12.35 6.19
CA LEU B 130 5.93 -13.20 5.85
C LEU B 130 4.86 -13.20 6.92
N SER B 131 5.28 -12.97 8.15
CA SER B 131 4.35 -12.89 9.26
C SER B 131 3.76 -11.50 9.49
N ASP B 132 4.06 -10.49 8.66
CA ASP B 132 3.48 -9.15 8.83
C ASP B 132 1.96 -9.28 8.66
N VAL B 133 1.20 -8.62 9.53
CA VAL B 133 -0.24 -8.66 9.49
C VAL B 133 -0.69 -7.58 8.49
N ILE B 134 -1.39 -7.99 7.42
CA ILE B 134 -1.81 -7.01 6.43
C ILE B 134 -3.32 -6.78 6.34
N ASP B 135 -4.13 -7.66 6.89
CA ASP B 135 -5.56 -7.40 6.94
C ASP B 135 -6.16 -7.92 8.24
N LYS B 136 -6.44 -6.99 9.15
CA LYS B 136 -7.15 -7.28 10.40
C LYS B 136 -8.69 -7.38 10.22
N ASN B 137 -9.21 -7.24 9.01
CA ASN B 137 -10.68 -7.38 8.79
C ASN B 137 -11.08 -8.84 8.60
N TRP B 138 -10.38 -9.73 9.30
CA TRP B 138 -10.49 -11.16 9.08
C TRP B 138 -10.19 -11.86 10.39
N THR B 139 -10.75 -13.06 10.52
CA THR B 139 -10.49 -13.92 11.66
C THR B 139 -10.21 -15.33 11.14
N PRO B 140 -9.00 -15.85 11.38
CA PRO B 140 -7.90 -15.07 11.94
C PRO B 140 -7.44 -13.98 10.94
N PRO B 141 -6.60 -13.05 11.40
CA PRO B 141 -6.07 -11.98 10.57
C PRO B 141 -5.25 -12.54 9.39
N VAL B 142 -5.23 -11.80 8.29
CA VAL B 142 -4.47 -12.20 7.12
C VAL B 142 -3.06 -11.61 7.19
N THR B 143 -2.06 -12.49 7.17
CA THR B 143 -0.66 -12.12 7.08
C THR B 143 -0.20 -12.16 5.63
N ARG B 144 0.99 -11.60 5.39
CA ARG B 144 1.55 -11.63 4.04
C ARG B 144 1.65 -13.06 3.51
N GLN B 145 2.13 -13.97 4.35
CA GLN B 145 2.15 -15.41 4.02
C GLN B 145 0.81 -16.00 3.58
N VAL B 146 -0.22 -15.81 4.38
CA VAL B 146 -1.57 -16.24 3.98
C VAL B 146 -2.04 -15.65 2.63
N ARG B 147 -1.82 -14.35 2.45
CA ARG B 147 -2.23 -13.69 1.20
C ARG B 147 -1.52 -14.29 -0.02
N LEU B 148 -0.24 -14.57 0.09
CA LEU B 148 0.50 -15.20 -0.99
C LEU B 148 0.00 -16.63 -1.31
N VAL B 149 -0.26 -17.43 -0.27
CA VAL B 149 -0.80 -18.75 -0.45
C VAL B 149 -2.16 -18.69 -1.11
N SER B 150 -3.01 -17.75 -0.66
CA SER B 150 -4.30 -17.49 -1.29
C SER B 150 -4.23 -17.17 -2.80
N ALA B 151 -3.27 -16.31 -3.16
CA ALA B 151 -3.08 -15.88 -4.51
C ALA B 151 -2.67 -17.06 -5.41
N ILE B 152 -1.79 -17.94 -4.93
CA ILE B 152 -1.32 -19.11 -5.70
C ILE B 152 -2.46 -20.15 -5.84
N ASP B 153 -3.15 -20.44 -4.73
CA ASP B 153 -4.33 -21.34 -4.72
C ASP B 153 -5.41 -20.91 -5.74
N ASP B 154 -5.72 -19.62 -5.73
CA ASP B 154 -6.70 -19.00 -6.62
C ASP B 154 -6.30 -19.27 -8.08
N ALA B 155 -5.05 -18.95 -8.43
CA ALA B 155 -4.57 -19.13 -9.80
C ALA B 155 -4.64 -20.59 -10.28
N VAL B 156 -4.20 -21.53 -9.43
CA VAL B 156 -4.09 -22.96 -9.79
C VAL B 156 -5.47 -23.59 -9.89
N MSE B 157 -6.32 -23.27 -8.94
CA MSE B 157 -7.66 -23.80 -8.92
C MSE B 157 -8.46 -23.33 -10.14
O MSE B 157 -9.16 -24.11 -10.73
CB MSE B 157 -8.31 -23.34 -7.62
CG MSE B 157 -9.68 -23.63 -7.51
SE MSE B 157 -10.75 -22.09 -8.00
CE MSE B 157 -11.94 -22.53 -6.56
N HIS B 158 -8.34 -22.05 -10.51
CA HIS B 158 -9.03 -21.54 -11.68
C HIS B 158 -8.47 -22.12 -12.98
N SER B 159 -7.17 -22.43 -13.01
CA SER B 159 -6.56 -23.09 -14.14
C SER B 159 -7.19 -24.48 -14.36
N GLY B 160 -7.52 -25.20 -13.28
CA GLY B 160 -8.28 -26.43 -13.41
C GLY B 160 -9.68 -26.22 -13.92
N GLN B 161 -10.31 -25.19 -13.41
CA GLN B 161 -11.68 -24.84 -13.88
C GLN B 161 -11.70 -24.52 -15.39
N ALA B 162 -10.67 -23.85 -15.90
CA ALA B 162 -10.59 -23.54 -17.35
C ALA B 162 -10.57 -24.77 -18.26
N VAL B 163 -9.93 -25.85 -17.82
CA VAL B 163 -9.93 -27.15 -18.51
C VAL B 163 -11.36 -27.73 -18.64
N TYR B 164 -12.15 -27.58 -17.58
CA TYR B 164 -13.53 -28.01 -17.59
C TYR B 164 -14.40 -27.15 -18.52
N THR B 165 -14.27 -25.83 -18.42
CA THR B 165 -14.93 -24.94 -19.38
C THR B 165 -14.56 -25.27 -20.84
N ARG B 166 -13.27 -25.46 -21.13
CA ARG B 166 -12.85 -25.85 -22.47
C ARG B 166 -13.57 -27.14 -22.96
N ARG B 167 -13.64 -28.14 -22.11
CA ARG B 167 -14.29 -29.40 -22.46
C ARG B 167 -15.79 -29.24 -22.74
N LEU B 168 -16.45 -28.35 -22.00
CA LEU B 168 -17.87 -28.11 -22.18
C LEU B 168 -18.11 -27.29 -23.44
N VAL B 169 -17.16 -26.44 -23.82
CA VAL B 169 -17.36 -25.56 -24.96
C VAL B 169 -16.92 -26.16 -26.29
N ILE B 170 -15.78 -26.85 -26.32
CA ILE B 170 -15.27 -27.43 -27.57
C ILE B 170 -15.28 -28.98 -27.59
N GLY B 171 -15.65 -29.62 -26.47
CA GLY B 171 -15.89 -31.06 -26.46
C GLY B 171 -14.64 -31.92 -26.35
N LYS B 172 -13.51 -31.28 -26.10
CA LYS B 172 -12.24 -32.00 -25.90
C LYS B 172 -11.33 -31.16 -25.05
C ACY C . -5.24 30.22 10.07
O ACY C . -5.02 29.33 10.94
OXT ACY C . -6.26 30.22 9.31
CH3 ACY C . -4.25 31.36 9.89
C1 GOL D . 2.37 13.31 0.90
O1 GOL D . 1.57 14.36 0.37
C2 GOL D . 3.84 13.68 0.99
O2 GOL D . 4.12 14.60 2.05
C3 GOL D . 4.71 12.44 1.19
O3 GOL D . 5.31 12.49 2.47
C ACY E . 10.80 -20.23 -11.52
O ACY E . 11.81 -20.88 -11.12
OXT ACY E . 9.64 -20.32 -11.04
CH3 ACY E . 11.01 -19.30 -12.69
C1 GOL F . -16.30 -17.25 -8.99
O1 GOL F . -16.80 -18.48 -9.51
C2 GOL F . -15.11 -17.47 -8.02
O2 GOL F . -14.38 -18.66 -8.32
C3 GOL F . -14.19 -16.24 -8.04
O3 GOL F . -13.16 -16.31 -7.06
#